data_4IF2
#
_entry.id   4IF2
#
_cell.length_a   68.032
_cell.length_b   149.596
_cell.length_c   74.230
_cell.angle_alpha   90.00
_cell.angle_beta   90.00
_cell.angle_gamma   90.00
#
_symmetry.space_group_name_H-M   'C 2 2 21'
#
loop_
_entity.id
_entity.type
_entity.pdbx_description
1 polymer 'Phosphotriesterase homology protein'
2 non-polymer 'ZINC ION'
3 water water
#
_entity_poly.entity_id   1
_entity_poly.type   'polypeptide(L)'
_entity_poly.pdbx_seq_one_letter_code
;MPELNTARGPIDTADLGVTLMHEHVFIMTTEIAQNYPEAWGDEDKRVAGAIARLGELKARGVDTIVDLTVIGLGRYIPRI
ARVAAATELNIVVATGLYTYNDVPFYFHYLGPGAQLDGPEIMTDMFVRDIEHGIADTGIKAGIL(KCX)CATDEPGLTPG
VERVLRAVAQAHKRTGAPISTHTHAGLRRGLDQQRIFAEEGVDLSRVVIGHCGDSTDVGYLEELIAAGSYLGMDRFGVDV
ISPFQDRVNIVARMCERGHADKMVLSHDACCYFDALPEELVPVAMPNWHYLHIHNDVIPALKQHGVTDEQLHTMLVDNPR
RIFERQGGYQ
;
_entity_poly.pdbx_strand_id   A
#
# COMPACT_ATOMS: atom_id res chain seq x y z
N PRO A 2 9.73 -18.21 -10.01
CA PRO A 2 8.60 -17.29 -9.86
C PRO A 2 9.13 -15.88 -9.60
N GLU A 3 8.61 -14.91 -10.33
CA GLU A 3 9.20 -13.59 -10.30
C GLU A 3 8.11 -12.60 -10.05
N LEU A 4 8.51 -11.38 -9.72
CA LEU A 4 7.56 -10.32 -9.65
C LEU A 4 8.26 -9.05 -10.11
N ASN A 5 7.49 -8.14 -10.67
CA ASN A 5 8.03 -6.90 -11.20
C ASN A 5 8.24 -5.82 -10.18
N THR A 6 9.24 -5.00 -10.45
CA THR A 6 9.87 -4.16 -9.48
C THR A 6 10.37 -2.87 -10.17
N ALA A 7 10.69 -1.82 -9.42
CA ALA A 7 11.17 -0.61 -10.07
C ALA A 7 12.52 -0.83 -10.80
N ARG A 8 13.12 -2.00 -10.62
CA ARG A 8 14.35 -2.32 -11.30
C ARG A 8 14.24 -3.59 -12.13
N GLY A 9 13.00 -3.95 -12.47
CA GLY A 9 12.75 -5.12 -13.28
C GLY A 9 12.33 -6.30 -12.45
N PRO A 10 12.26 -7.49 -13.07
CA PRO A 10 11.79 -8.68 -12.37
C PRO A 10 12.81 -9.20 -11.37
N ILE A 11 12.34 -9.57 -10.20
CA ILE A 11 13.19 -10.25 -9.22
C ILE A 11 12.56 -11.58 -8.87
N ASP A 12 13.41 -12.53 -8.52
CA ASP A 12 12.96 -13.78 -7.94
C ASP A 12 12.25 -13.46 -6.66
N THR A 13 11.15 -14.15 -6.47
CA THR A 13 10.23 -13.85 -5.40
C THR A 13 10.84 -14.36 -4.09
N ALA A 14 11.78 -15.28 -4.21
CA ALA A 14 12.62 -15.69 -3.09
C ALA A 14 13.59 -14.60 -2.65
N ASP A 15 13.72 -13.54 -3.44
CA ASP A 15 14.64 -12.45 -3.08
C ASP A 15 13.93 -11.24 -2.52
N LEU A 16 12.63 -11.37 -2.31
CA LEU A 16 11.84 -10.35 -1.63
C LEU A 16 12.36 -10.02 -0.22
N GLY A 17 12.62 -11.07 0.55
CA GLY A 17 13.12 -10.93 1.90
C GLY A 17 12.16 -10.23 2.84
N VAL A 18 12.75 -9.50 3.79
CA VAL A 18 11.98 -8.69 4.72
C VAL A 18 11.27 -7.59 3.93
N THR A 19 9.95 -7.60 3.96
CA THR A 19 9.16 -6.70 3.14
C THR A 19 8.19 -5.88 3.94
N LEU A 20 8.26 -4.56 3.79
CA LEU A 20 7.25 -3.65 4.32
C LEU A 20 6.18 -3.50 3.23
N MET A 21 4.95 -3.89 3.54
CA MET A 21 3.90 -4.03 2.53
C MET A 21 3.12 -2.76 2.22
N HIS A 22 3.47 -1.67 2.88
CA HIS A 22 2.73 -0.45 2.64
C HIS A 22 3.56 0.77 2.99
N GLU A 23 4.26 1.29 1.99
CA GLU A 23 5.02 2.52 2.16
C GLU A 23 4.81 3.47 0.98
N HIS A 24 5.40 4.64 1.10
CA HIS A 24 5.40 5.62 0.03
C HIS A 24 6.76 6.24 -0.03
N VAL A 25 7.07 6.85 -1.15
CA VAL A 25 8.28 7.66 -1.25
C VAL A 25 7.88 9.13 -1.29
N PHE A 26 7.12 9.52 -2.31
CA PHE A 26 6.68 10.90 -2.46
C PHE A 26 5.18 10.93 -2.64
N ILE A 27 4.51 11.74 -1.85
CA ILE A 27 3.08 11.94 -2.00
C ILE A 27 2.78 13.42 -2.20
N MET A 28 2.06 13.71 -3.26
CA MET A 28 1.69 15.07 -3.51
C MET A 28 0.52 15.13 -4.48
N THR A 29 -0.16 16.27 -4.45
CA THR A 29 -1.13 16.60 -5.48
C THR A 29 -0.32 17.18 -6.65
N THR A 30 -0.18 16.39 -7.71
CA THR A 30 0.71 16.72 -8.81
C THR A 30 0.56 18.15 -9.36
N GLU A 31 -0.68 18.55 -9.61
CA GLU A 31 -0.97 19.82 -10.26
C GLU A 31 -0.65 21.03 -9.35
N ILE A 32 -0.78 20.86 -8.03
CA ILE A 32 -0.42 21.89 -7.05
C ILE A 32 1.09 22.06 -6.97
N ALA A 33 1.80 20.93 -6.93
CA ALA A 33 3.25 20.92 -6.88
C ALA A 33 3.84 21.60 -8.09
N GLN A 34 3.33 21.29 -9.29
CA GLN A 34 3.84 21.94 -10.50
C GLN A 34 3.56 23.43 -10.46
N ASN A 35 2.41 23.81 -9.91
CA ASN A 35 2.01 25.21 -9.90
C ASN A 35 2.58 26.03 -8.75
N TYR A 36 2.92 25.37 -7.65
CA TYR A 36 3.44 26.05 -6.47
C TYR A 36 4.64 25.25 -5.99
N PRO A 37 5.75 25.32 -6.72
CA PRO A 37 6.85 24.34 -6.62
C PRO A 37 7.81 24.58 -5.46
N GLU A 38 7.67 25.71 -4.77
CA GLU A 38 8.63 26.10 -3.72
C GLU A 38 8.74 25.09 -2.58
N ALA A 39 7.63 24.53 -2.14
CA ALA A 39 7.66 23.58 -1.02
C ALA A 39 8.45 22.33 -1.38
N TRP A 40 8.27 21.86 -2.61
CA TRP A 40 9.04 20.74 -3.13
C TRP A 40 10.50 21.16 -3.25
N GLY A 41 10.70 22.40 -3.69
CA GLY A 41 12.03 22.97 -3.83
C GLY A 41 12.93 22.21 -4.81
N ASP A 42 14.08 21.81 -4.31
CA ASP A 42 15.14 21.22 -5.09
C ASP A 42 14.84 19.75 -5.46
N GLU A 43 14.57 19.49 -6.74
CA GLU A 43 14.25 18.13 -7.21
C GLU A 43 15.34 17.11 -6.91
N ASP A 44 16.60 17.50 -7.14
CA ASP A 44 17.72 16.60 -6.95
C ASP A 44 17.90 16.29 -5.46
N LYS A 45 17.71 17.28 -4.61
CA LYS A 45 17.79 17.05 -3.18
C LYS A 45 16.70 16.09 -2.69
N ARG A 46 15.47 16.28 -3.16
CA ARG A 46 14.35 15.39 -2.85
C ARG A 46 14.65 13.96 -3.25
N VAL A 47 15.08 13.79 -4.48
CA VAL A 47 15.39 12.47 -5.01
C VAL A 47 16.57 11.83 -4.27
N ALA A 48 17.63 12.61 -4.05
CA ALA A 48 18.81 12.09 -3.36
C ALA A 48 18.47 11.76 -1.91
N GLY A 49 17.64 12.60 -1.29
CA GLY A 49 17.16 12.35 0.05
C GLY A 49 16.34 11.08 0.16
N ALA A 50 15.53 10.80 -0.86
CA ALA A 50 14.73 9.57 -0.84
C ALA A 50 15.66 8.37 -0.91
N ILE A 51 16.64 8.45 -1.79
CA ILE A 51 17.62 7.39 -1.94
C ILE A 51 18.39 7.14 -0.63
N ALA A 52 18.75 8.21 0.08
CA ALA A 52 19.44 8.07 1.36
C ALA A 52 18.56 7.37 2.40
N ARG A 53 17.31 7.79 2.50
CA ARG A 53 16.43 7.20 3.48
C ARG A 53 16.18 5.71 3.19
N LEU A 54 16.06 5.36 1.91
CA LEU A 54 15.77 3.98 1.55
C LEU A 54 17.01 3.09 1.61
N GLY A 55 18.19 3.65 1.33
CA GLY A 55 19.42 2.92 1.48
C GLY A 55 19.69 2.60 2.95
N GLU A 56 19.44 3.59 3.80
CA GLU A 56 19.54 3.36 5.23
C GLU A 56 18.63 2.22 5.65
N LEU A 57 17.39 2.27 5.17
CA LEU A 57 16.42 1.22 5.47
C LEU A 57 16.95 -0.18 5.07
N LYS A 58 17.53 -0.28 3.89
CA LYS A 58 18.10 -1.53 3.38
C LYS A 58 19.27 -2.02 4.25
N ALA A 59 20.15 -1.10 4.64
CA ALA A 59 21.28 -1.41 5.52
C ALA A 59 20.80 -1.92 6.89
N ARG A 60 19.64 -1.45 7.33
CA ARG A 60 19.04 -1.91 8.59
C ARG A 60 18.35 -3.28 8.48
N GLY A 61 18.24 -3.81 7.27
CA GLY A 61 17.77 -5.18 7.10
C GLY A 61 16.39 -5.37 6.50
N VAL A 62 15.80 -4.30 5.98
CA VAL A 62 14.63 -4.47 5.12
C VAL A 62 15.08 -4.62 3.67
N ASP A 63 14.46 -5.56 2.96
CA ASP A 63 14.87 -5.91 1.61
C ASP A 63 13.95 -5.31 0.55
N THR A 64 12.70 -5.06 0.92
CA THR A 64 11.69 -4.68 -0.04
C THR A 64 10.65 -3.77 0.58
N ILE A 65 10.29 -2.71 -0.15
CA ILE A 65 9.07 -1.97 0.15
C ILE A 65 8.11 -2.01 -1.00
N VAL A 66 6.83 -1.91 -0.66
CA VAL A 66 5.75 -1.80 -1.62
C VAL A 66 5.19 -0.37 -1.51
N ASP A 67 5.45 0.44 -2.54
CA ASP A 67 5.01 1.84 -2.60
C ASP A 67 3.62 1.90 -3.19
N LEU A 68 2.64 2.22 -2.35
CA LEU A 68 1.24 2.22 -2.78
C LEU A 68 0.75 3.60 -3.24
N THR A 69 1.66 4.42 -3.76
CA THR A 69 1.31 5.70 -4.38
C THR A 69 0.70 5.44 -5.74
N VAL A 70 -0.52 5.90 -5.94
CA VAL A 70 -1.22 5.67 -7.20
C VAL A 70 -1.78 6.98 -7.68
N ILE A 71 -2.62 6.93 -8.73
CA ILE A 71 -3.27 8.15 -9.21
C ILE A 71 -4.12 8.71 -8.10
N GLY A 72 -3.98 10.02 -7.87
CA GLY A 72 -4.58 10.70 -6.74
C GLY A 72 -3.58 11.00 -5.63
N LEU A 73 -2.43 10.33 -5.65
CA LEU A 73 -1.43 10.46 -4.59
C LEU A 73 -0.12 11.00 -5.18
N GLY A 74 -0.15 11.31 -6.47
CA GLY A 74 0.98 11.96 -7.12
C GLY A 74 2.00 10.99 -7.67
N ARG A 75 1.50 9.89 -8.20
CA ARG A 75 2.34 8.89 -8.81
C ARG A 75 3.11 9.46 -10.00
N TYR A 76 4.43 9.28 -9.96
CA TYR A 76 5.29 9.68 -11.05
C TYR A 76 6.48 8.73 -11.08
N ILE A 77 6.40 7.75 -11.97
CA ILE A 77 7.30 6.64 -11.93
C ILE A 77 8.71 6.97 -12.43
N PRO A 78 8.86 7.93 -13.38
CA PRO A 78 10.23 8.24 -13.80
C PRO A 78 11.08 8.75 -12.65
N ARG A 79 10.44 9.38 -11.66
CA ARG A 79 11.19 9.82 -10.51
C ARG A 79 11.51 8.64 -9.58
N ILE A 80 10.58 7.70 -9.48
CA ILE A 80 10.80 6.44 -8.73
C ILE A 80 11.86 5.56 -9.40
N ALA A 81 11.90 5.56 -10.72
CA ALA A 81 12.96 4.85 -11.43
C ALA A 81 14.36 5.36 -11.03
N ARG A 82 14.52 6.69 -10.95
CA ARG A 82 15.78 7.26 -10.47
C ARG A 82 16.13 6.80 -9.06
N VAL A 83 15.15 6.79 -8.16
CA VAL A 83 15.42 6.39 -6.79
C VAL A 83 15.86 4.93 -6.76
N ALA A 84 15.05 4.07 -7.37
CA ALA A 84 15.29 2.64 -7.40
C ALA A 84 16.63 2.28 -8.03
N ALA A 85 17.12 3.13 -8.94
CA ALA A 85 18.36 2.84 -9.64
C ALA A 85 19.59 3.03 -8.75
N ALA A 86 19.40 3.58 -7.56
CA ALA A 86 20.54 3.94 -6.73
C ALA A 86 20.39 3.37 -5.33
N THR A 87 19.49 2.41 -5.19
CA THR A 87 19.45 1.64 -3.93
C THR A 87 19.33 0.15 -4.23
N GLU A 88 19.75 -0.69 -3.30
CA GLU A 88 19.58 -2.14 -3.48
C GLU A 88 18.27 -2.62 -2.89
N LEU A 89 17.53 -1.71 -2.27
CA LEU A 89 16.21 -2.01 -1.80
C LEU A 89 15.34 -2.32 -3.01
N ASN A 90 14.54 -3.38 -2.93
CA ASN A 90 13.50 -3.61 -3.95
C ASN A 90 12.35 -2.67 -3.72
N ILE A 91 11.87 -2.06 -4.80
CA ILE A 91 10.69 -1.24 -4.69
C ILE A 91 9.59 -1.79 -5.61
N VAL A 92 8.52 -2.27 -5.00
CA VAL A 92 7.37 -2.67 -5.78
C VAL A 92 6.46 -1.48 -5.92
N VAL A 93 5.96 -1.29 -7.13
CA VAL A 93 5.22 -0.10 -7.50
C VAL A 93 3.75 -0.49 -7.76
N ALA A 94 2.86 0.48 -7.68
CA ALA A 94 1.44 0.15 -7.70
C ALA A 94 0.67 0.90 -8.79
N THR A 95 -0.48 0.35 -9.13
CA THR A 95 -1.41 1.05 -9.98
C THR A 95 -2.77 1.06 -9.31
N GLY A 96 -3.68 1.87 -9.83
CA GLY A 96 -4.96 2.05 -9.20
C GLY A 96 -5.26 3.51 -9.05
N LEU A 97 -6.25 3.80 -8.24
CA LEU A 97 -6.73 5.16 -8.14
C LEU A 97 -7.15 5.38 -6.72
N TYR A 98 -6.84 6.55 -6.18
CA TYR A 98 -7.09 6.81 -4.78
C TYR A 98 -8.07 7.97 -4.63
N THR A 99 -9.29 7.65 -4.22
CA THR A 99 -10.29 8.68 -3.97
C THR A 99 -11.16 8.26 -2.79
N TYR A 100 -11.65 9.24 -2.03
CA TYR A 100 -12.59 8.97 -0.95
C TYR A 100 -14.02 9.18 -1.44
N ASN A 101 -14.15 9.80 -2.60
N ASN A 101 -14.14 9.85 -2.58
CA ASN A 101 -15.47 10.25 -3.05
CA ASN A 101 -15.43 10.32 -3.06
C ASN A 101 -15.62 10.14 -4.57
C ASN A 101 -15.59 10.15 -4.55
N ASP A 102 -15.20 11.16 -5.30
CA ASP A 102 -15.38 11.13 -6.74
C ASP A 102 -14.14 10.80 -7.53
N VAL A 103 -14.36 10.54 -8.82
CA VAL A 103 -13.28 10.25 -9.73
C VAL A 103 -12.83 11.52 -10.43
N PRO A 104 -11.58 11.53 -10.91
CA PRO A 104 -11.07 12.65 -11.70
C PRO A 104 -11.99 12.96 -12.88
N PHE A 105 -12.01 14.25 -13.22
CA PHE A 105 -12.72 14.79 -14.37
C PHE A 105 -12.51 13.89 -15.58
N TYR A 106 -11.30 13.36 -15.72
CA TYR A 106 -10.95 12.48 -16.83
C TYR A 106 -11.93 11.33 -17.03
N PHE A 107 -12.51 10.86 -15.93
CA PHE A 107 -13.44 9.74 -15.98
C PHE A 107 -14.90 10.19 -15.94
N HIS A 108 -15.10 11.50 -15.94
CA HIS A 108 -16.41 12.11 -15.76
C HIS A 108 -17.33 11.85 -16.94
N TYR A 109 -16.77 11.60 -18.12
CA TYR A 109 -17.59 11.53 -19.35
C TYR A 109 -17.79 10.13 -19.90
N LEU A 110 -16.79 9.28 -19.70
CA LEU A 110 -16.85 7.92 -20.23
C LEU A 110 -16.74 6.89 -19.11
N GLY A 111 -17.40 5.75 -19.32
CA GLY A 111 -17.36 4.63 -18.38
C GLY A 111 -18.61 4.45 -17.54
N PRO A 112 -18.70 3.32 -16.85
CA PRO A 112 -19.89 2.97 -16.05
C PRO A 112 -20.30 4.08 -15.09
N GLY A 113 -21.45 4.70 -15.33
CA GLY A 113 -21.97 5.73 -14.46
C GLY A 113 -21.51 7.15 -14.79
N ALA A 114 -20.71 7.28 -15.84
CA ALA A 114 -20.22 8.57 -16.28
C ALA A 114 -21.38 9.32 -16.94
N GLN A 115 -21.15 10.57 -17.34
CA GLN A 115 -22.17 11.36 -18.03
C GLN A 115 -22.70 10.59 -19.23
N LEU A 116 -21.80 10.22 -20.14
CA LEU A 116 -22.11 9.30 -21.21
C LEU A 116 -21.87 7.91 -20.68
N ASP A 117 -21.11 7.14 -21.45
CA ASP A 117 -20.40 5.95 -20.96
C ASP A 117 -20.32 4.84 -22.00
N GLY A 118 -20.31 3.62 -21.49
CA GLY A 118 -19.96 2.45 -22.28
C GLY A 118 -18.85 1.74 -21.53
N PRO A 119 -17.88 1.19 -22.28
CA PRO A 119 -16.82 0.40 -21.65
C PRO A 119 -16.10 1.18 -20.55
N GLU A 120 -15.73 0.48 -19.48
CA GLU A 120 -14.87 1.04 -18.45
C GLU A 120 -13.51 1.15 -19.10
N ILE A 121 -12.78 2.21 -18.79
CA ILE A 121 -11.48 2.44 -19.40
C ILE A 121 -10.42 2.49 -18.31
N MET A 122 -10.89 2.61 -17.09
CA MET A 122 -10.06 2.62 -15.91
C MET A 122 -9.35 1.27 -15.78
N THR A 123 -10.11 0.18 -15.89
CA THR A 123 -9.55 -1.17 -15.82
C THR A 123 -8.41 -1.35 -16.81
N ASP A 124 -8.62 -0.92 -18.05
CA ASP A 124 -7.60 -1.05 -19.08
C ASP A 124 -6.31 -0.33 -18.70
N MET A 125 -6.44 0.87 -18.12
CA MET A 125 -5.29 1.62 -17.68
C MET A 125 -4.50 0.85 -16.61
N PHE A 126 -5.21 0.22 -15.69
CA PHE A 126 -4.57 -0.55 -14.63
C PHE A 126 -3.86 -1.75 -15.23
N VAL A 127 -4.51 -2.42 -16.17
CA VAL A 127 -3.97 -3.62 -16.79
C VAL A 127 -2.72 -3.28 -17.62
N ARG A 128 -2.77 -2.18 -18.35
CA ARG A 128 -1.61 -1.68 -19.08
C ARG A 128 -0.40 -1.46 -18.16
N ASP A 129 -0.65 -0.94 -16.96
CA ASP A 129 0.43 -0.70 -16.00
C ASP A 129 1.03 -1.99 -15.48
N ILE A 130 0.17 -2.98 -15.27
CA ILE A 130 0.61 -4.23 -14.70
C ILE A 130 1.31 -5.09 -15.75
N GLU A 131 0.79 -5.08 -16.97
CA GLU A 131 1.19 -6.02 -18.00
C GLU A 131 2.16 -5.48 -19.02
N HIS A 132 2.07 -4.19 -19.32
N HIS A 132 2.03 -4.20 -19.36
CA HIS A 132 2.91 -3.61 -20.36
CA HIS A 132 2.86 -3.56 -20.37
C HIS A 132 3.93 -2.64 -19.76
C HIS A 132 3.95 -2.75 -19.67
N GLY A 133 3.53 -1.90 -18.74
CA GLY A 133 4.43 -1.01 -18.06
C GLY A 133 3.83 0.38 -17.93
N ILE A 134 4.34 1.13 -16.97
CA ILE A 134 3.80 2.44 -16.67
C ILE A 134 4.42 3.50 -17.57
N ALA A 135 3.55 4.30 -18.17
CA ALA A 135 3.97 5.33 -19.13
C ALA A 135 5.07 4.85 -20.10
N ASP A 136 6.17 5.59 -20.13
CA ASP A 136 7.27 5.40 -21.07
C ASP A 136 8.38 4.59 -20.39
N THR A 137 8.02 4.01 -19.27
CA THR A 137 8.96 3.73 -18.21
C THR A 137 9.49 2.29 -18.26
N GLY A 138 8.67 1.38 -18.77
CA GLY A 138 9.05 -0.02 -18.83
C GLY A 138 8.89 -0.73 -17.48
N ILE A 139 8.56 0.05 -16.46
CA ILE A 139 8.33 -0.48 -15.13
C ILE A 139 6.88 -0.90 -15.00
N LYS A 140 6.66 -2.14 -14.59
CA LYS A 140 5.30 -2.64 -14.43
C LYS A 140 4.88 -2.60 -12.97
N ALA A 141 3.59 -2.37 -12.76
CA ALA A 141 3.04 -2.33 -11.42
C ALA A 141 2.90 -3.73 -10.88
N GLY A 142 3.20 -3.90 -9.60
CA GLY A 142 3.17 -5.22 -9.01
C GLY A 142 1.89 -5.43 -8.22
N ILE A 143 1.16 -4.37 -7.98
CA ILE A 143 0.05 -4.44 -7.06
C ILE A 143 -1.01 -3.39 -7.42
N LEU A 144 -2.24 -3.66 -7.00
CA LEU A 144 -3.36 -2.74 -7.21
C LEU A 144 -3.75 -2.13 -5.88
N CYS A 146 -6.68 0.64 -4.01
CA CYS A 146 -7.87 1.50 -4.03
C CYS A 146 -8.21 1.86 -2.60
N ALA A 147 -9.20 2.73 -2.42
CA ALA A 147 -9.49 3.28 -1.11
C ALA A 147 -10.98 3.33 -0.78
N THR A 148 -11.28 3.23 0.51
CA THR A 148 -12.60 3.54 1.02
C THR A 148 -12.40 4.16 2.39
N ASP A 149 -12.92 5.38 2.56
CA ASP A 149 -12.74 6.11 3.79
C ASP A 149 -14.09 6.56 4.36
N GLU A 150 -14.09 7.67 5.10
CA GLU A 150 -15.28 8.22 5.76
C GLU A 150 -16.57 8.22 4.94
N PRO A 151 -16.52 8.68 3.68
CA PRO A 151 -17.75 8.77 2.88
C PRO A 151 -18.32 7.40 2.53
N GLY A 152 -17.53 6.35 2.69
CA GLY A 152 -17.97 5.02 2.34
C GLY A 152 -18.12 4.84 0.84
N LEU A 153 -19.07 4.01 0.45
CA LEU A 153 -19.19 3.63 -0.95
C LEU A 153 -19.94 4.64 -1.78
N THR A 154 -19.30 5.77 -2.05
CA THR A 154 -19.85 6.72 -3.00
C THR A 154 -19.87 6.03 -4.37
N PRO A 155 -20.55 6.62 -5.35
CA PRO A 155 -20.53 5.99 -6.67
C PRO A 155 -19.14 6.02 -7.29
N GLY A 156 -18.35 7.03 -6.92
CA GLY A 156 -16.98 7.14 -7.40
C GLY A 156 -16.09 6.06 -6.80
N VAL A 157 -16.15 5.92 -5.49
CA VAL A 157 -15.38 4.90 -4.79
C VAL A 157 -15.73 3.50 -5.32
N GLU A 158 -17.03 3.26 -5.49
CA GLU A 158 -17.54 1.99 -5.96
C GLU A 158 -17.08 1.68 -7.38
N ARG A 159 -17.12 2.68 -8.26
CA ARG A 159 -16.64 2.48 -9.63
C ARG A 159 -15.17 2.07 -9.66
N VAL A 160 -14.39 2.64 -8.76
CA VAL A 160 -12.96 2.34 -8.71
C VAL A 160 -12.72 0.92 -8.16
N LEU A 161 -13.43 0.56 -7.09
CA LEU A 161 -13.31 -0.76 -6.52
C LEU A 161 -13.58 -1.84 -7.58
N ARG A 162 -14.61 -1.64 -8.40
CA ARG A 162 -14.95 -2.57 -9.47
C ARG A 162 -13.92 -2.54 -10.59
N ALA A 163 -13.39 -1.37 -10.86
CA ALA A 163 -12.35 -1.26 -11.87
C ALA A 163 -11.11 -2.03 -11.40
N VAL A 164 -10.78 -1.87 -10.12
CA VAL A 164 -9.60 -2.53 -9.55
C VAL A 164 -9.82 -4.04 -9.44
N ALA A 165 -11.04 -4.45 -9.13
CA ALA A 165 -11.37 -5.86 -9.00
C ALA A 165 -11.20 -6.56 -10.33
N GLN A 166 -11.65 -5.90 -11.39
CA GLN A 166 -11.59 -6.48 -12.73
C GLN A 166 -10.15 -6.50 -13.25
N ALA A 167 -9.35 -5.52 -12.87
CA ALA A 167 -7.96 -5.48 -13.26
C ALA A 167 -7.23 -6.65 -12.59
N HIS A 168 -7.67 -6.96 -11.37
CA HIS A 168 -7.08 -8.05 -10.61
C HIS A 168 -7.44 -9.42 -11.19
N LYS A 169 -8.68 -9.54 -11.68
CA LYS A 169 -9.12 -10.78 -12.26
C LYS A 169 -8.51 -10.99 -13.63
N ARG A 170 -8.14 -9.90 -14.30
CA ARG A 170 -7.46 -10.03 -15.58
C ARG A 170 -5.99 -10.40 -15.45
N THR A 171 -5.34 -9.90 -14.41
CA THR A 171 -3.89 -10.01 -14.31
C THR A 171 -3.45 -10.94 -13.21
N GLY A 172 -4.28 -11.08 -12.18
CA GLY A 172 -3.90 -11.83 -11.00
C GLY A 172 -3.10 -11.03 -9.98
N ALA A 173 -2.85 -9.75 -10.27
CA ALA A 173 -2.04 -8.94 -9.35
C ALA A 173 -2.78 -8.74 -8.02
N PRO A 174 -2.05 -8.77 -6.91
CA PRO A 174 -2.77 -8.61 -5.62
C PRO A 174 -3.35 -7.21 -5.40
N ILE A 175 -4.41 -7.16 -4.61
CA ILE A 175 -5.05 -5.90 -4.31
C ILE A 175 -4.63 -5.50 -2.91
N SER A 176 -4.22 -4.24 -2.77
CA SER A 176 -3.94 -3.72 -1.44
C SER A 176 -4.77 -2.48 -1.29
N THR A 177 -5.33 -2.33 -0.10
CA THR A 177 -6.45 -1.46 0.09
C THR A 177 -6.18 -0.39 1.14
N HIS A 178 -6.68 0.82 0.90
CA HIS A 178 -6.79 1.84 1.94
C HIS A 178 -8.18 1.75 2.58
N THR A 179 -8.27 1.80 3.91
CA THR A 179 -9.59 1.88 4.56
C THR A 179 -9.58 2.87 5.72
N HIS A 180 -10.78 3.17 6.19
CA HIS A 180 -10.98 3.83 7.48
C HIS A 180 -11.34 2.70 8.44
N ALA A 181 -10.46 2.43 9.39
CA ALA A 181 -10.62 1.22 10.19
C ALA A 181 -11.76 1.36 11.22
N GLY A 182 -11.88 2.56 11.81
CA GLY A 182 -12.93 2.84 12.77
C GLY A 182 -14.33 2.69 12.19
N LEU A 183 -14.50 3.12 10.95
CA LEU A 183 -15.75 2.88 10.23
C LEU A 183 -15.73 1.49 9.58
N ARG A 184 -14.67 0.72 9.84
CA ARG A 184 -14.62 -0.65 9.38
C ARG A 184 -14.92 -0.76 7.88
N ARG A 185 -14.22 0.03 7.08
CA ARG A 185 -14.46 0.04 5.65
C ARG A 185 -13.91 -1.19 4.91
N GLY A 186 -13.18 -2.05 5.59
CA GLY A 186 -12.75 -3.31 5.01
C GLY A 186 -13.92 -4.20 4.59
N LEU A 187 -14.92 -4.27 5.45
CA LEU A 187 -16.09 -5.08 5.18
C LEU A 187 -16.80 -4.61 3.93
N ASP A 188 -16.78 -3.29 3.71
CA ASP A 188 -17.44 -2.69 2.54
C ASP A 188 -16.74 -3.12 1.26
N GLN A 189 -15.41 -3.08 1.28
CA GLN A 189 -14.61 -3.43 0.12
C GLN A 189 -14.72 -4.93 -0.15
N GLN A 190 -14.67 -5.73 0.90
CA GLN A 190 -14.88 -7.17 0.73
C GLN A 190 -16.18 -7.50 0.03
N ARG A 191 -17.27 -6.83 0.42
CA ARG A 191 -18.56 -7.01 -0.23
C ARG A 191 -18.52 -6.71 -1.73
N ILE A 192 -18.00 -5.54 -2.10
CA ILE A 192 -17.91 -5.19 -3.53
C ILE A 192 -17.07 -6.20 -4.29
N PHE A 193 -15.93 -6.54 -3.71
CA PHE A 193 -15.00 -7.47 -4.33
C PHE A 193 -15.65 -8.83 -4.56
N ALA A 194 -16.35 -9.31 -3.54
CA ALA A 194 -17.04 -10.59 -3.63
C ALA A 194 -18.08 -10.55 -4.75
N GLU A 195 -18.79 -9.44 -4.88
CA GLU A 195 -19.76 -9.29 -5.95
C GLU A 195 -19.07 -9.34 -7.30
N GLU A 196 -17.79 -9.00 -7.31
CA GLU A 196 -17.03 -9.01 -8.55
C GLU A 196 -16.41 -10.38 -8.80
N GLY A 197 -16.53 -11.27 -7.82
CA GLY A 197 -15.98 -12.61 -7.96
C GLY A 197 -14.52 -12.67 -7.56
N VAL A 198 -14.09 -11.72 -6.73
CA VAL A 198 -12.69 -11.65 -6.35
C VAL A 198 -12.41 -12.65 -5.24
N ASP A 199 -11.31 -13.39 -5.40
CA ASP A 199 -10.76 -14.23 -4.33
C ASP A 199 -10.18 -13.33 -3.25
N LEU A 200 -10.87 -13.25 -2.12
CA LEU A 200 -10.54 -12.29 -1.07
C LEU A 200 -9.22 -12.57 -0.36
N SER A 201 -8.67 -13.77 -0.55
CA SER A 201 -7.38 -14.11 0.02
C SER A 201 -6.26 -13.47 -0.79
N ARG A 202 -6.62 -12.92 -1.95
CA ARG A 202 -5.67 -12.20 -2.78
C ARG A 202 -5.75 -10.69 -2.51
N VAL A 203 -6.33 -10.33 -1.36
CA VAL A 203 -6.55 -8.93 -1.01
C VAL A 203 -5.97 -8.61 0.36
N VAL A 204 -5.16 -7.56 0.44
CA VAL A 204 -4.73 -7.03 1.73
C VAL A 204 -5.60 -5.83 2.09
N ILE A 205 -6.27 -5.93 3.23
CA ILE A 205 -7.06 -4.80 3.72
C ILE A 205 -6.14 -3.91 4.55
N GLY A 206 -5.90 -2.69 4.06
CA GLY A 206 -4.94 -1.81 4.69
C GLY A 206 -5.50 -1.06 5.89
N HIS A 207 -4.60 -0.66 6.79
CA HIS A 207 -4.94 0.19 7.92
C HIS A 207 -5.79 -0.50 8.98
N CYS A 208 -5.75 -1.82 8.99
CA CYS A 208 -6.33 -2.59 10.07
C CYS A 208 -5.46 -2.39 11.30
N GLY A 209 -4.21 -1.97 11.07
CA GLY A 209 -3.27 -1.72 12.14
C GLY A 209 -3.81 -0.66 13.07
N ASP A 210 -4.69 0.18 12.54
CA ASP A 210 -5.29 1.28 13.29
C ASP A 210 -6.35 0.78 14.27
N SER A 211 -6.90 -0.39 13.99
CA SER A 211 -8.02 -0.93 14.75
C SER A 211 -7.57 -1.63 16.02
N THR A 212 -8.47 -1.68 17.00
CA THR A 212 -8.27 -2.51 18.19
C THR A 212 -9.44 -3.47 18.33
N ASP A 213 -10.24 -3.56 17.28
CA ASP A 213 -11.41 -4.43 17.26
C ASP A 213 -11.08 -5.81 16.69
N VAL A 214 -10.73 -6.75 17.56
CA VAL A 214 -10.44 -8.12 17.15
C VAL A 214 -11.56 -8.73 16.29
N GLY A 215 -12.80 -8.55 16.71
CA GLY A 215 -13.93 -9.08 15.97
C GLY A 215 -13.96 -8.69 14.52
N TYR A 216 -13.61 -7.43 14.23
CA TYR A 216 -13.58 -6.91 12.87
C TYR A 216 -12.45 -7.51 12.05
N LEU A 217 -11.25 -7.53 12.61
CA LEU A 217 -10.10 -8.14 11.94
C LEU A 217 -10.39 -9.61 11.63
N GLU A 218 -10.80 -10.38 12.63
CA GLU A 218 -11.10 -11.79 12.46
C GLU A 218 -12.22 -12.01 11.45
N GLU A 219 -13.11 -11.04 11.33
CA GLU A 219 -14.19 -11.13 10.37
C GLU A 219 -13.69 -10.90 8.92
N LEU A 220 -12.66 -10.05 8.79
CA LEU A 220 -12.00 -9.84 7.49
C LEU A 220 -11.15 -11.06 7.11
N ILE A 221 -10.41 -11.59 8.08
CA ILE A 221 -9.64 -12.81 7.89
C ILE A 221 -10.51 -13.99 7.50
N ALA A 222 -11.66 -14.11 8.16
CA ALA A 222 -12.62 -15.21 7.93
C ALA A 222 -13.04 -15.27 6.47
N ALA A 223 -13.30 -14.12 5.88
CA ALA A 223 -13.65 -14.06 4.46
C ALA A 223 -12.41 -14.30 3.59
N GLY A 224 -11.23 -14.35 4.23
CA GLY A 224 -10.02 -14.76 3.55
C GLY A 224 -8.85 -13.78 3.48
N SER A 225 -9.10 -12.49 3.69
CA SER A 225 -8.09 -11.48 3.41
C SER A 225 -6.92 -11.40 4.40
N TYR A 226 -5.81 -10.82 3.93
CA TYR A 226 -4.73 -10.47 4.82
C TYR A 226 -5.02 -9.12 5.42
N LEU A 227 -4.30 -8.79 6.49
CA LEU A 227 -4.51 -7.51 7.15
C LEU A 227 -3.26 -6.63 7.16
N GLY A 228 -3.42 -5.40 6.71
CA GLY A 228 -2.36 -4.42 6.78
C GLY A 228 -2.24 -3.82 8.16
N MET A 229 -1.24 -4.26 8.92
CA MET A 229 -0.93 -3.65 10.21
C MET A 229 0.14 -2.65 9.88
N ASP A 230 -0.28 -1.54 9.27
CA ASP A 230 0.60 -0.83 8.35
C ASP A 230 0.82 0.66 8.62
N ARG A 231 0.42 1.17 9.77
CA ARG A 231 0.69 2.57 10.09
C ARG A 231 1.44 2.72 11.39
N PHE A 232 2.37 1.80 11.65
CA PHE A 232 3.27 1.95 12.78
C PHE A 232 4.01 3.29 12.75
N GLY A 233 3.91 4.02 13.85
CA GLY A 233 4.51 5.34 13.93
C GLY A 233 3.48 6.45 13.80
N VAL A 234 2.33 6.13 13.23
CA VAL A 234 1.25 7.11 13.11
C VAL A 234 0.45 7.15 14.40
N ASP A 235 1.09 7.68 15.44
CA ASP A 235 0.57 7.61 16.81
C ASP A 235 -0.64 8.51 17.09
N VAL A 236 -0.85 9.51 16.25
CA VAL A 236 -2.04 10.35 16.40
C VAL A 236 -3.32 9.55 16.10
N ILE A 237 -3.20 8.52 15.28
CA ILE A 237 -4.34 7.66 14.94
C ILE A 237 -4.47 6.50 15.93
N SER A 238 -3.34 5.98 16.37
CA SER A 238 -3.31 4.89 17.34
C SER A 238 -1.94 4.84 17.99
N PRO A 239 -1.91 4.92 19.32
CA PRO A 239 -0.64 4.94 20.06
C PRO A 239 0.17 3.66 19.86
N PHE A 240 1.48 3.79 20.03
CA PHE A 240 2.42 2.68 19.93
C PHE A 240 1.94 1.39 20.63
N GLN A 241 1.52 1.53 21.89
N GLN A 241 1.54 1.50 21.90
CA GLN A 241 1.10 0.39 22.69
CA GLN A 241 1.14 0.30 22.64
C GLN A 241 -0.10 -0.33 22.09
C GLN A 241 -0.13 -0.36 22.09
N ASP A 242 -1.08 0.44 21.62
CA ASP A 242 -2.27 -0.14 20.98
C ASP A 242 -1.93 -0.89 19.69
N ARG A 243 -1.01 -0.33 18.91
CA ARG A 243 -0.62 -0.93 17.64
C ARG A 243 0.13 -2.22 17.92
N VAL A 244 0.97 -2.20 18.94
CA VAL A 244 1.76 -3.38 19.29
C VAL A 244 0.87 -4.45 19.87
N ASN A 245 -0.09 -4.08 20.71
CA ASN A 245 -0.97 -5.05 21.35
C ASN A 245 -1.91 -5.78 20.40
N ILE A 246 -2.52 -5.05 19.48
CA ILE A 246 -3.43 -5.70 18.52
C ILE A 246 -2.71 -6.77 17.70
N VAL A 247 -1.47 -6.51 17.32
CA VAL A 247 -0.70 -7.44 16.53
C VAL A 247 -0.31 -8.62 17.40
N ALA A 248 0.07 -8.34 18.64
CA ALA A 248 0.42 -9.38 19.60
C ALA A 248 -0.77 -10.30 19.86
N ARG A 249 -1.91 -9.69 20.15
CA ARG A 249 -3.12 -10.46 20.39
C ARG A 249 -3.43 -11.36 19.20
N MET A 250 -3.40 -10.77 18.01
CA MET A 250 -3.73 -11.49 16.79
C MET A 250 -2.77 -12.65 16.53
N CYS A 251 -1.51 -12.47 16.90
CA CYS A 251 -0.56 -13.57 16.79
C CYS A 251 -0.94 -14.70 17.74
N GLU A 252 -1.23 -14.34 18.99
CA GLU A 252 -1.64 -15.31 19.99
C GLU A 252 -2.90 -16.06 19.56
N ARG A 253 -3.75 -15.42 18.76
CA ARG A 253 -4.93 -16.11 18.24
C ARG A 253 -4.61 -16.92 16.97
N GLY A 254 -3.31 -16.99 16.64
CA GLY A 254 -2.85 -17.72 15.47
C GLY A 254 -3.08 -17.06 14.10
N HIS A 255 -3.03 -15.74 14.05
CA HIS A 255 -3.30 -15.05 12.78
C HIS A 255 -2.06 -14.44 12.12
N ALA A 256 -0.88 -14.71 12.66
CA ALA A 256 0.35 -14.22 12.08
C ALA A 256 0.41 -14.48 10.58
N ASP A 257 -0.14 -15.60 10.16
CA ASP A 257 -0.16 -16.02 8.76
C ASP A 257 -1.13 -15.18 7.92
N LYS A 258 -1.73 -14.15 8.54
CA LYS A 258 -2.68 -13.30 7.83
C LYS A 258 -2.32 -11.82 7.95
N MET A 259 -1.17 -11.52 8.51
CA MET A 259 -0.78 -10.15 8.78
C MET A 259 0.53 -9.73 8.12
N VAL A 260 0.58 -8.48 7.68
CA VAL A 260 1.79 -7.87 7.15
C VAL A 260 1.99 -6.52 7.84
N LEU A 261 3.22 -6.04 7.88
CA LEU A 261 3.55 -4.82 8.63
C LEU A 261 4.07 -3.68 7.77
N SER A 262 3.83 -2.45 8.23
CA SER A 262 4.40 -1.26 7.61
C SER A 262 4.20 -0.01 8.45
N HIS A 263 4.61 1.12 7.87
CA HIS A 263 4.55 2.42 8.54
C HIS A 263 3.68 3.38 7.76
N ASP A 264 3.44 3.06 6.49
CA ASP A 264 2.73 3.98 5.61
C ASP A 264 3.51 5.30 5.62
N ALA A 265 4.82 5.22 5.74
CA ALA A 265 5.64 6.44 5.83
C ALA A 265 6.09 6.90 4.43
N CYS A 266 6.75 8.04 4.38
CA CYS A 266 7.18 8.64 3.12
C CYS A 266 8.33 9.61 3.37
N CYS A 267 8.97 10.06 2.29
CA CYS A 267 10.05 11.01 2.34
C CYS A 267 9.52 12.42 2.13
N TYR A 268 8.37 12.51 1.48
CA TYR A 268 7.73 13.79 1.25
C TYR A 268 6.22 13.62 1.19
N PHE A 269 5.53 14.53 1.88
CA PHE A 269 4.08 14.56 1.88
C PHE A 269 3.68 16.03 1.85
N ASP A 270 3.14 16.46 0.72
CA ASP A 270 2.89 17.87 0.51
C ASP A 270 1.83 18.48 1.42
N ALA A 271 0.78 17.73 1.77
CA ALA A 271 -0.37 18.33 2.46
C ALA A 271 -0.14 18.73 3.93
N LEU A 272 1.09 18.64 4.40
CA LEU A 272 1.41 18.95 5.79
C LEU A 272 2.76 19.62 5.92
N PRO A 273 2.85 20.62 6.80
CA PRO A 273 4.11 21.36 6.97
C PRO A 273 5.23 20.41 7.36
N GLU A 274 6.31 20.46 6.61
CA GLU A 274 7.42 19.55 6.80
C GLU A 274 8.00 19.59 8.21
N GLU A 275 8.24 20.78 8.72
CA GLU A 275 8.99 20.93 9.96
C GLU A 275 8.17 20.57 11.20
N LEU A 276 6.88 20.32 11.02
CA LEU A 276 5.99 20.05 12.15
C LEU A 276 5.82 18.56 12.42
N VAL A 277 5.87 17.78 11.36
CA VAL A 277 5.61 16.35 11.47
C VAL A 277 6.68 15.56 12.24
N PRO A 278 7.96 15.92 12.09
CA PRO A 278 9.00 15.24 12.85
C PRO A 278 8.87 15.45 14.36
N VAL A 279 8.16 16.50 14.77
CA VAL A 279 8.03 16.78 16.20
C VAL A 279 6.74 16.19 16.77
N ALA A 280 5.70 16.13 15.93
CA ALA A 280 4.40 15.61 16.36
C ALA A 280 4.29 14.08 16.24
N MET A 281 5.01 13.50 15.28
CA MET A 281 5.05 12.05 15.12
C MET A 281 6.47 11.59 14.84
N PRO A 282 7.35 11.68 15.85
CA PRO A 282 8.79 11.44 15.74
C PRO A 282 9.13 10.00 15.38
N ASN A 283 8.17 9.10 15.52
CA ASN A 283 8.40 7.69 15.28
C ASN A 283 7.88 7.26 13.91
N TRP A 284 7.39 8.24 13.16
CA TRP A 284 6.86 7.97 11.84
C TRP A 284 7.97 8.09 10.79
N HIS A 285 8.70 7.00 10.62
CA HIS A 285 9.76 6.86 9.61
C HIS A 285 9.92 5.35 9.32
N TYR A 286 10.84 5.02 8.41
CA TYR A 286 10.97 3.67 7.92
C TYR A 286 11.63 2.71 8.89
N LEU A 287 12.26 3.23 9.95
CA LEU A 287 13.08 2.40 10.84
C LEU A 287 12.42 2.08 12.17
N HIS A 288 11.20 2.58 12.35
CA HIS A 288 10.46 2.43 13.59
C HIS A 288 10.14 0.96 13.92
N ILE A 289 9.76 0.20 12.91
CA ILE A 289 9.43 -1.21 13.14
C ILE A 289 10.65 -1.99 13.64
N HIS A 290 11.80 -1.76 13.01
CA HIS A 290 13.02 -2.45 13.42
C HIS A 290 13.61 -1.95 14.75
N ASN A 291 13.51 -0.65 15.00
CA ASN A 291 14.07 -0.09 16.23
C ASN A 291 13.22 -0.31 17.46
N ASP A 292 11.90 -0.29 17.28
CA ASP A 292 10.98 -0.23 18.40
C ASP A 292 9.93 -1.33 18.35
N VAL A 293 9.25 -1.46 17.22
CA VAL A 293 8.09 -2.34 17.16
C VAL A 293 8.45 -3.81 17.36
N ILE A 294 9.50 -4.27 16.70
CA ILE A 294 9.90 -5.67 16.79
C ILE A 294 10.29 -6.06 18.22
N PRO A 295 11.17 -5.27 18.86
CA PRO A 295 11.50 -5.55 20.27
C PRO A 295 10.26 -5.57 21.15
N ALA A 296 9.36 -4.60 20.98
CA ALA A 296 8.13 -4.57 21.76
C ALA A 296 7.26 -5.78 21.49
N LEU A 297 7.32 -6.29 20.25
CA LEU A 297 6.59 -7.51 19.92
C LEU A 297 7.18 -8.72 20.63
N LYS A 298 8.51 -8.84 20.61
CA LYS A 298 9.18 -9.92 21.31
C LYS A 298 8.82 -9.88 22.81
N GLN A 299 8.73 -8.66 23.34
CA GLN A 299 8.35 -8.46 24.74
C GLN A 299 6.98 -9.04 25.06
N HIS A 300 6.05 -8.96 24.11
CA HIS A 300 4.74 -9.55 24.29
C HIS A 300 4.74 -11.04 23.92
N GLY A 301 5.93 -11.60 23.71
CA GLY A 301 6.04 -13.02 23.39
C GLY A 301 5.65 -13.41 21.98
N VAL A 302 5.78 -12.47 21.04
CA VAL A 302 5.65 -12.80 19.62
C VAL A 302 6.95 -13.49 19.24
N THR A 303 6.86 -14.68 18.66
CA THR A 303 8.05 -15.47 18.39
C THR A 303 8.78 -14.95 17.16
N ASP A 304 10.02 -15.41 17.01
CA ASP A 304 10.80 -15.06 15.84
C ASP A 304 10.17 -15.67 14.60
N GLU A 305 9.53 -16.82 14.77
CA GLU A 305 8.88 -17.51 13.65
C GLU A 305 7.68 -16.71 13.18
N GLN A 306 6.94 -16.14 14.12
CA GLN A 306 5.78 -15.34 13.80
C GLN A 306 6.14 -14.07 13.05
N LEU A 307 7.24 -13.44 13.45
CA LEU A 307 7.74 -12.23 12.80
C LEU A 307 8.16 -12.53 11.37
N HIS A 308 8.90 -13.62 11.22
CA HIS A 308 9.34 -14.07 9.91
C HIS A 308 8.13 -14.29 8.99
N THR A 309 7.05 -14.78 9.58
CA THR A 309 5.84 -15.09 8.82
C THR A 309 5.23 -13.82 8.24
N MET A 310 5.18 -12.79 9.07
CA MET A 310 4.56 -11.51 8.73
C MET A 310 5.43 -10.70 7.80
N LEU A 311 6.74 -10.74 8.05
CA LEU A 311 7.68 -9.91 7.30
C LEU A 311 8.23 -10.56 6.03
N VAL A 312 8.27 -11.89 6.02
CA VAL A 312 8.94 -12.59 4.94
C VAL A 312 8.03 -13.57 4.23
N ASP A 313 7.43 -14.47 4.99
CA ASP A 313 6.70 -15.58 4.38
C ASP A 313 5.41 -15.08 3.74
N ASN A 314 4.72 -14.20 4.45
CA ASN A 314 3.44 -13.72 3.97
C ASN A 314 3.54 -12.88 2.69
N PRO A 315 4.45 -11.90 2.67
CA PRO A 315 4.61 -11.11 1.44
C PRO A 315 5.00 -11.98 0.24
N ARG A 316 5.81 -12.99 0.48
CA ARG A 316 6.27 -13.87 -0.61
C ARG A 316 5.13 -14.70 -1.14
N ARG A 317 4.33 -15.25 -0.23
CA ARG A 317 3.16 -16.01 -0.61
C ARG A 317 2.19 -15.16 -1.40
N ILE A 318 1.97 -13.94 -0.90
CA ILE A 318 1.09 -12.99 -1.56
C ILE A 318 1.54 -12.72 -2.99
N PHE A 319 2.84 -12.51 -3.17
CA PHE A 319 3.36 -12.16 -4.48
C PHE A 319 3.57 -13.36 -5.42
N GLU A 320 3.57 -14.57 -4.88
CA GLU A 320 3.69 -15.76 -5.72
C GLU A 320 2.38 -16.20 -6.33
N ARG A 321 1.26 -15.64 -5.86
N ARG A 321 1.26 -15.68 -5.83
CA ARG A 321 -0.05 -16.02 -6.41
CA ARG A 321 -0.01 -16.01 -6.43
C ARG A 321 -0.37 -15.19 -7.65
C ARG A 321 -0.15 -15.14 -7.66
N GLN A 322 -0.14 -15.77 -8.83
CA GLN A 322 -0.15 -15.03 -10.09
C GLN A 322 -1.13 -15.55 -11.13
N GLY A 323 -1.46 -14.70 -12.10
CA GLY A 323 -2.37 -15.08 -13.15
C GLY A 323 -3.79 -14.79 -12.80
N GLY A 324 -4.56 -14.36 -13.79
CA GLY A 324 -5.94 -13.97 -13.58
C GLY A 324 -6.89 -15.15 -13.63
N TYR A 325 -8.18 -14.85 -13.49
CA TYR A 325 -9.23 -15.85 -13.43
C TYR A 325 -10.60 -15.22 -13.67
#